data_3AWO
#
_entry.id   3AWO
#
_cell.length_a   105.053
_cell.length_b   105.053
_cell.length_c   81.916
_cell.angle_alpha   90.00
_cell.angle_beta   90.00
_cell.angle_gamma   90.00
#
_symmetry.space_group_name_H-M   'P 4 2 2'
#
loop_
_entity.id
_entity.type
_entity.pdbx_description
1 polymer 'D-serine dehydratase'
2 non-polymer "PYRIDOXAL-5'-PHOSPHATE"
3 non-polymer D-SERINE
4 water water
#
_entity_poly.entity_id   1
_entity_poly.type   'polypeptide(L)'
_entity_poly.pdbx_seq_one_letter_code
;MWLGALLDTLPTPALTIDRTTARRNAERMRERCRALGVRLRPHVKTHKTLEGGLLATGGTRRGIAVSTLAEARFFADGGF
DDILLAYPVPTARLEECAGLARRLDAFHVLLDRPEALASLRQRPLGHGKRWLVWLKLDCGNGRAGVRPTDPAALELAQAI
ANDAPEEVTLVGVYAHCGNTYGCSGADTIQAIARTTTNAVLSFVAALRQAGVPCPQASIGSTPSCSHPIPEMSQLTELHP
GNYIFYDLQQTQLGSCQPQDVAIRVLTRVIGHYAHRGQLLVDCGWAALSLHGAGAGQGPQGCAAIDGHPELRLVGLTQEH
GLLEHAGGQMDFGRFPVGSVLALIPYHACATAAMHPVYYVHEEGKVVALWHPVRGW
;
_entity_poly.pdbx_strand_id   A
#
# COMPACT_ATOMS: atom_id res chain seq x y z
N MET A 1 8.23 -27.34 -3.11
CA MET A 1 7.58 -26.52 -4.18
C MET A 1 6.15 -26.98 -4.45
N TRP A 2 5.24 -26.03 -4.70
CA TRP A 2 3.81 -26.31 -4.59
C TRP A 2 2.91 -25.99 -5.79
N LEU A 3 3.49 -25.63 -6.94
CA LEU A 3 2.65 -25.37 -8.11
C LEU A 3 1.65 -26.49 -8.28
N GLY A 4 0.39 -26.14 -8.54
CA GLY A 4 -0.64 -27.15 -8.81
C GLY A 4 -1.44 -27.56 -7.58
N ALA A 5 -0.78 -27.61 -6.43
CA ALA A 5 -1.40 -28.09 -5.18
C ALA A 5 -2.75 -27.45 -4.82
N LEU A 6 -3.64 -28.24 -4.23
CA LEU A 6 -4.91 -27.72 -3.74
C LEU A 6 -4.69 -26.90 -2.46
N LEU A 7 -5.47 -25.83 -2.31
CA LEU A 7 -5.30 -24.93 -1.18
C LEU A 7 -5.21 -25.63 0.16
N ASP A 8 -6.18 -26.50 0.46
CA ASP A 8 -6.21 -27.15 1.76
C ASP A 8 -5.11 -28.22 1.88
N THR A 9 -4.13 -28.15 0.97
CA THR A 9 -2.99 -29.07 0.97
C THR A 9 -1.67 -28.39 1.42
N LEU A 10 -1.69 -27.07 1.53
CA LEU A 10 -0.54 -26.28 1.92
C LEU A 10 -0.17 -26.45 3.39
N PRO A 11 1.10 -26.20 3.74
CA PRO A 11 1.46 -26.15 5.14
C PRO A 11 0.93 -24.85 5.75
N THR A 12 0.16 -24.93 6.83
CA THR A 12 -0.38 -23.73 7.43
C THR A 12 0.43 -23.39 8.66
N PRO A 13 0.40 -22.12 9.08
CA PRO A 13 -0.39 -21.03 8.49
C PRO A 13 0.21 -20.52 7.17
N ALA A 14 -0.63 -20.01 6.28
CA ALA A 14 -0.20 -19.68 4.93
C ALA A 14 -0.94 -18.49 4.36
N LEU A 15 -0.18 -17.50 3.87
CA LEU A 15 -0.79 -16.36 3.24
C LEU A 15 -1.19 -16.76 1.85
N THR A 16 -2.47 -16.63 1.50
CA THR A 16 -2.91 -16.99 0.16
C THR A 16 -3.47 -15.79 -0.60
N ILE A 17 -3.19 -15.72 -1.89
CA ILE A 17 -3.75 -14.65 -2.70
C ILE A 17 -4.49 -15.22 -3.90
N ASP A 18 -5.75 -14.87 -4.03
CA ASP A 18 -6.54 -15.13 -5.21
C ASP A 18 -6.05 -14.32 -6.40
N ARG A 19 -5.42 -14.96 -7.37
CA ARG A 19 -4.91 -14.18 -8.49
C ARG A 19 -6.03 -13.58 -9.38
N THR A 20 -7.16 -14.28 -9.48
CA THR A 20 -8.31 -13.74 -10.18
C THR A 20 -8.70 -12.42 -9.54
N THR A 21 -8.89 -12.43 -8.23
CA THR A 21 -9.27 -11.23 -7.47
C THR A 21 -8.20 -10.14 -7.57
N ALA A 22 -6.94 -10.53 -7.45
CA ALA A 22 -5.86 -9.58 -7.52
C ALA A 22 -5.80 -8.88 -8.86
N ARG A 23 -5.96 -9.65 -9.95
CA ARG A 23 -5.86 -9.11 -11.32
C ARG A 23 -7.02 -8.15 -11.49
N ARG A 24 -8.20 -8.62 -11.15
CA ARG A 24 -9.39 -7.82 -11.26
C ARG A 24 -9.25 -6.51 -10.47
N ASN A 25 -8.68 -6.58 -9.28
CA ASN A 25 -8.44 -5.36 -8.49
C ASN A 25 -7.50 -4.39 -9.22
N ALA A 26 -6.44 -4.91 -9.81
CA ALA A 26 -5.44 -4.08 -10.49
C ALA A 26 -6.05 -3.39 -11.68
N GLU A 27 -6.71 -4.19 -12.50
CA GLU A 27 -7.32 -3.70 -13.72
C GLU A 27 -8.45 -2.73 -13.40
N ARG A 28 -9.16 -2.97 -12.30
CA ARG A 28 -10.22 -2.04 -11.99
C ARG A 28 -9.64 -0.65 -11.72
N MET A 29 -8.61 -0.57 -10.88
CA MET A 29 -8.05 0.73 -10.54
C MET A 29 -7.45 1.41 -11.77
N ARG A 30 -6.88 0.61 -12.68
CA ARG A 30 -6.38 1.12 -13.94
C ARG A 30 -7.51 1.80 -14.73
N GLU A 31 -8.69 1.18 -14.73
CA GLU A 31 -9.80 1.70 -15.50
C GLU A 31 -10.35 2.97 -14.87
N ARG A 32 -10.41 3.01 -13.54
CA ARG A 32 -10.86 4.20 -12.86
C ARG A 32 -9.98 5.38 -13.27
N CYS A 33 -8.68 5.13 -13.37
CA CYS A 33 -7.75 6.16 -13.80
C CYS A 33 -7.94 6.53 -15.27
N ARG A 34 -8.02 5.54 -16.15
CA ARG A 34 -8.32 5.84 -17.53
C ARG A 34 -9.58 6.72 -17.53
N ALA A 35 -10.63 6.29 -16.86
CA ALA A 35 -11.87 7.05 -16.92
C ALA A 35 -11.66 8.49 -16.43
N LEU A 36 -10.88 8.66 -15.35
CA LEU A 36 -10.63 10.01 -14.87
C LEU A 36 -9.71 10.82 -15.79
N GLY A 37 -8.89 10.15 -16.59
CA GLY A 37 -7.87 10.83 -17.37
C GLY A 37 -6.59 11.09 -16.58
N VAL A 38 -6.17 10.14 -15.74
CA VAL A 38 -4.98 10.32 -14.94
C VAL A 38 -4.09 9.07 -14.96
N ARG A 39 -2.85 9.23 -14.53
CA ARG A 39 -1.89 8.14 -14.52
C ARG A 39 -2.06 7.40 -13.18
N LEU A 40 -1.87 6.08 -13.18
CA LEU A 40 -1.90 5.33 -11.95
C LEU A 40 -0.47 4.99 -11.56
N ARG A 41 -0.03 5.44 -10.40
CA ARG A 41 1.29 5.02 -9.89
C ARG A 41 1.11 4.19 -8.62
N PRO A 42 0.78 2.90 -8.76
CA PRO A 42 0.50 2.08 -7.57
C PRO A 42 1.66 2.02 -6.56
N HIS A 43 1.29 1.90 -5.29
CA HIS A 43 2.24 1.75 -4.20
C HIS A 43 2.37 0.27 -3.92
N VAL A 44 3.59 -0.21 -3.68
CA VAL A 44 3.83 -1.67 -3.66
C VAL A 44 3.99 -2.23 -2.27
N LYS A 45 3.78 -1.39 -1.29
CA LYS A 45 4.15 -1.77 0.05
C LYS A 45 3.22 -2.81 0.69
N THR A 46 2.00 -2.93 0.18
CA THR A 46 1.10 -3.94 0.70
C THR A 46 1.59 -5.32 0.37
N HIS A 47 2.38 -5.45 -0.69
CA HIS A 47 2.79 -6.78 -1.16
C HIS A 47 4.30 -6.92 -1.31
N LYS A 48 4.96 -5.83 -1.72
CA LYS A 48 6.42 -5.82 -1.91
C LYS A 48 6.96 -6.98 -2.76
N THR A 49 6.28 -7.30 -3.86
CA THR A 49 6.74 -8.34 -4.76
C THR A 49 6.77 -7.83 -6.20
N LEU A 50 7.68 -8.41 -7.00
CA LEU A 50 7.77 -8.13 -8.42
C LEU A 50 6.49 -8.52 -9.17
N GLU A 51 5.97 -9.70 -8.88
CA GLU A 51 4.74 -10.14 -9.47
C GLU A 51 3.63 -9.13 -9.17
N GLY A 52 3.50 -8.76 -7.90
CA GLY A 52 2.51 -7.77 -7.51
C GLY A 52 2.70 -6.52 -8.36
N GLY A 53 3.94 -6.04 -8.46
CA GLY A 53 4.25 -4.82 -9.19
C GLY A 53 3.80 -4.93 -10.63
N LEU A 54 4.14 -6.06 -11.26
CA LEU A 54 3.63 -6.42 -12.57
C LEU A 54 2.11 -6.29 -12.69
N LEU A 55 1.34 -6.90 -11.81
CA LEU A 55 -0.10 -6.73 -11.93
C LEU A 55 -0.50 -5.27 -11.86
N ALA A 56 -0.03 -4.59 -10.84
CA ALA A 56 -0.56 -3.28 -10.56
C ALA A 56 -0.27 -2.41 -11.78
N THR A 57 0.93 -2.63 -12.31
CA THR A 57 1.56 -1.74 -13.26
C THR A 57 1.05 -2.09 -14.65
N GLY A 58 0.26 -3.16 -14.71
CA GLY A 58 -0.37 -3.62 -15.93
C GLY A 58 0.54 -4.39 -16.87
N GLY A 59 1.74 -4.74 -16.42
CA GLY A 59 2.70 -5.48 -17.24
C GLY A 59 3.89 -4.62 -17.66
N THR A 60 3.82 -3.31 -17.40
CA THR A 60 4.82 -2.34 -17.90
C THR A 60 6.11 -2.24 -17.08
N ARG A 61 6.03 -2.51 -15.77
CA ARG A 61 7.20 -2.34 -14.90
C ARG A 61 7.66 -0.89 -14.82
N ARG A 62 6.74 0.05 -14.98
CA ARG A 62 7.05 1.48 -14.88
C ARG A 62 5.96 2.20 -14.07
N GLY A 63 6.38 3.17 -13.25
CA GLY A 63 5.44 4.00 -12.51
C GLY A 63 4.94 3.36 -11.23
N ILE A 64 5.80 3.31 -10.21
CA ILE A 64 5.42 2.82 -8.90
C ILE A 64 5.92 3.72 -7.79
N ALA A 65 5.42 3.45 -6.59
CA ALA A 65 5.84 4.13 -5.36
C ALA A 65 6.27 3.09 -4.32
N VAL A 66 7.35 3.38 -3.61
CA VAL A 66 7.86 2.41 -2.65
C VAL A 66 8.00 3.10 -1.31
N SER A 67 8.11 2.32 -0.23
CA SER A 67 8.15 2.90 1.11
C SER A 67 9.53 2.82 1.75
N THR A 68 10.49 2.20 1.05
CA THR A 68 11.83 2.00 1.59
C THR A 68 12.88 1.90 0.50
N LEU A 69 14.11 2.08 0.90
CA LEU A 69 15.21 1.92 -0.02
C LEU A 69 15.39 0.45 -0.42
N ALA A 70 14.96 -0.46 0.46
CA ALA A 70 15.05 -1.88 0.13
C ALA A 70 14.09 -2.21 -1.02
N GLU A 71 12.83 -1.76 -0.93
CA GLU A 71 11.92 -1.89 -2.07
C GLU A 71 12.49 -1.22 -3.30
N ALA A 72 12.96 0.01 -3.16
CA ALA A 72 13.52 0.73 -4.30
C ALA A 72 14.54 -0.13 -5.07
N ARG A 73 15.51 -0.66 -4.36
CA ARG A 73 16.56 -1.47 -4.98
C ARG A 73 16.02 -2.80 -5.54
N PHE A 74 15.10 -3.42 -4.80
CA PHE A 74 14.51 -4.69 -5.20
C PHE A 74 13.78 -4.53 -6.54
N PHE A 75 12.91 -3.53 -6.61
CA PHE A 75 12.24 -3.27 -7.86
C PHE A 75 13.19 -2.79 -8.95
N ALA A 76 14.21 -2.02 -8.56
CA ALA A 76 15.15 -1.54 -9.55
C ALA A 76 15.89 -2.72 -10.17
N ASP A 77 16.19 -3.72 -9.34
CA ASP A 77 16.96 -4.88 -9.81
C ASP A 77 16.10 -5.83 -10.65
N GLY A 78 14.78 -5.68 -10.52
CA GLY A 78 13.83 -6.50 -11.25
C GLY A 78 13.42 -5.83 -12.54
N GLY A 79 14.03 -4.67 -12.82
CA GLY A 79 13.78 -3.96 -14.08
C GLY A 79 12.68 -2.91 -14.07
N PHE A 80 12.24 -2.47 -12.90
CA PHE A 80 11.27 -1.39 -12.83
C PHE A 80 11.96 -0.06 -12.97
N ASP A 81 11.26 0.93 -13.52
CA ASP A 81 11.82 2.28 -13.52
C ASP A 81 10.68 3.27 -13.22
N ASP A 82 11.00 4.56 -13.17
CA ASP A 82 9.98 5.52 -12.76
C ASP A 82 9.44 5.09 -11.40
N ILE A 83 10.35 5.11 -10.43
CA ILE A 83 10.05 4.67 -9.10
C ILE A 83 10.12 5.85 -8.17
N LEU A 84 9.03 6.09 -7.46
CA LEU A 84 8.96 7.16 -6.48
C LEU A 84 9.14 6.62 -5.06
N LEU A 85 10.17 7.11 -4.38
CA LEU A 85 10.35 6.84 -2.95
C LEU A 85 9.45 7.76 -2.15
N ALA A 86 8.23 7.29 -1.86
CA ALA A 86 7.20 8.14 -1.23
C ALA A 86 7.44 8.29 0.26
N TYR A 87 8.34 9.19 0.61
CA TYR A 87 8.89 9.19 1.93
C TYR A 87 9.85 10.34 2.03
N PRO A 88 9.81 11.09 3.15
CA PRO A 88 10.75 12.21 3.31
C PRO A 88 12.17 11.78 2.98
N VAL A 89 12.69 12.20 1.84
CA VAL A 89 13.98 11.70 1.41
C VAL A 89 14.94 11.60 2.60
N PRO A 90 15.57 10.43 2.76
CA PRO A 90 16.39 10.17 3.94
C PRO A 90 17.76 10.74 3.75
N THR A 91 18.02 11.89 4.36
CA THR A 91 19.28 12.59 4.15
C THR A 91 20.49 11.82 4.66
N ALA A 92 20.26 10.84 5.52
CA ALA A 92 21.36 10.02 6.02
C ALA A 92 21.74 8.84 5.09
N ARG A 93 21.01 8.64 4.01
CA ARG A 93 21.34 7.58 3.04
C ARG A 93 21.45 8.12 1.61
N LEU A 94 21.98 9.33 1.44
CA LEU A 94 21.97 9.92 0.12
C LEU A 94 22.89 9.20 -0.86
N GLU A 95 23.94 8.57 -0.39
CA GLU A 95 24.78 7.83 -1.33
C GLU A 95 23.92 6.79 -2.02
N GLU A 96 23.14 6.04 -1.25
CA GLU A 96 22.23 5.06 -1.86
C GLU A 96 21.23 5.69 -2.84
N CYS A 97 20.50 6.71 -2.39
CA CYS A 97 19.55 7.40 -3.27
C CYS A 97 20.20 7.85 -4.57
N ALA A 98 21.36 8.49 -4.45
CA ALA A 98 22.14 8.92 -5.62
C ALA A 98 22.53 7.73 -6.49
N GLY A 99 22.93 6.63 -5.86
CA GLY A 99 23.14 5.41 -6.61
C GLY A 99 21.96 5.09 -7.50
N LEU A 100 20.75 5.21 -6.96
CA LEU A 100 19.54 4.80 -7.68
C LEU A 100 19.11 5.79 -8.78
N ALA A 101 19.25 7.07 -8.50
CA ALA A 101 19.00 8.10 -9.52
C ALA A 101 19.96 7.96 -10.70
N ARG A 102 21.18 7.51 -10.43
CA ARG A 102 22.15 7.26 -11.50
C ARG A 102 21.82 6.02 -12.36
N ARG A 103 21.33 4.95 -11.74
CA ARG A 103 20.96 3.75 -12.51
C ARG A 103 19.67 3.97 -13.28
N LEU A 104 18.74 4.73 -12.70
CA LEU A 104 17.38 4.80 -13.23
C LEU A 104 17.16 6.04 -14.09
N ASP A 105 16.29 5.91 -15.08
CA ASP A 105 15.89 7.06 -15.86
C ASP A 105 15.04 8.00 -15.03
N ALA A 106 14.32 7.45 -14.06
CA ALA A 106 13.48 8.29 -13.24
C ALA A 106 13.32 7.72 -11.84
N PHE A 107 14.12 8.23 -10.91
CA PHE A 107 13.95 7.86 -9.51
C PHE A 107 13.51 9.13 -8.88
N HIS A 108 12.36 9.12 -8.19
CA HIS A 108 11.81 10.34 -7.61
C HIS A 108 11.95 10.34 -6.10
N VAL A 109 12.14 11.51 -5.51
CA VAL A 109 12.18 11.59 -4.08
C VAL A 109 11.23 12.68 -3.61
N LEU A 110 10.85 12.61 -2.33
CA LEU A 110 9.94 13.58 -1.72
C LEU A 110 10.71 14.31 -0.64
N LEU A 111 10.39 15.58 -0.46
CA LEU A 111 10.80 16.27 0.74
C LEU A 111 9.81 17.33 1.16
N ASP A 112 9.92 17.76 2.42
CA ASP A 112 9.05 18.80 2.96
C ASP A 112 9.83 19.71 3.95
N ARG A 113 11.16 19.78 3.78
CA ARG A 113 12.04 20.52 4.69
C ARG A 113 13.13 21.24 3.92
N PRO A 114 13.24 22.57 4.09
CA PRO A 114 14.32 23.27 3.39
C PRO A 114 15.69 22.59 3.56
N GLU A 115 16.02 22.15 4.77
CA GLU A 115 17.35 21.57 5.00
C GLU A 115 17.56 20.33 4.15
N ALA A 116 16.46 19.68 3.79
CA ALA A 116 16.50 18.52 2.91
C ALA A 116 16.98 18.96 1.54
N LEU A 117 16.41 20.05 1.05
CA LEU A 117 16.85 20.61 -0.20
C LEU A 117 18.33 20.96 -0.11
N ALA A 118 18.73 21.53 1.02
CA ALA A 118 20.14 21.85 1.24
C ALA A 118 20.98 20.59 1.12
N SER A 119 20.62 19.54 1.86
CA SER A 119 21.35 18.28 1.78
C SER A 119 21.51 17.81 0.33
N LEU A 120 20.44 17.96 -0.47
CA LEU A 120 20.44 17.48 -1.84
C LEU A 120 21.45 18.24 -2.66
N ARG A 121 21.54 19.54 -2.36
CA ARG A 121 22.40 20.48 -3.06
C ARG A 121 23.88 20.13 -2.93
N GLN A 122 24.31 19.86 -1.71
CA GLN A 122 25.69 19.49 -1.48
C GLN A 122 25.98 18.03 -1.85
N ARG A 123 25.00 17.36 -2.46
CA ARG A 123 25.23 16.03 -3.03
C ARG A 123 24.64 16.02 -4.43
N PRO A 124 25.23 16.82 -5.32
CA PRO A 124 24.76 16.90 -6.68
C PRO A 124 24.90 15.52 -7.29
N LEU A 125 24.08 15.21 -8.28
CA LEU A 125 24.10 13.90 -8.91
C LEU A 125 25.13 13.78 -10.00
N GLY A 126 25.34 14.86 -10.73
CA GLY A 126 26.23 14.83 -11.90
C GLY A 126 25.61 14.03 -13.03
N HIS A 127 26.37 13.90 -14.12
CA HIS A 127 25.92 13.12 -15.26
C HIS A 127 24.65 13.70 -15.88
N GLY A 128 24.48 15.01 -15.71
CA GLY A 128 23.32 15.69 -16.28
C GLY A 128 22.01 15.16 -15.76
N LYS A 129 22.09 14.46 -14.63
CA LYS A 129 20.93 13.97 -13.93
C LYS A 129 20.54 14.96 -12.84
N ARG A 130 19.24 15.11 -12.63
CA ARG A 130 18.75 16.02 -11.60
C ARG A 130 17.91 15.27 -10.58
N TRP A 131 18.05 15.64 -9.32
CA TRP A 131 17.14 15.15 -8.29
C TRP A 131 15.73 15.47 -8.75
N LEU A 132 14.93 14.42 -8.94
CA LEU A 132 13.54 14.60 -9.31
C LEU A 132 12.76 14.70 -8.00
N VAL A 133 12.39 15.92 -7.62
CA VAL A 133 11.81 16.16 -6.31
C VAL A 133 10.33 16.52 -6.32
N TRP A 134 9.56 15.83 -5.49
CA TRP A 134 8.17 16.19 -5.26
C TRP A 134 8.00 16.87 -3.92
N LEU A 135 7.07 17.78 -3.82
CA LEU A 135 6.79 18.44 -2.54
C LEU A 135 5.60 17.78 -1.81
N LYS A 136 5.87 17.19 -0.65
CA LYS A 136 4.84 16.56 0.17
C LYS A 136 4.00 17.65 0.84
N LEU A 137 2.71 17.65 0.55
CA LEU A 137 1.80 18.58 1.18
C LEU A 137 1.04 17.82 2.26
N ASP A 138 1.06 18.35 3.48
CA ASP A 138 0.20 17.83 4.53
C ASP A 138 -1.08 18.61 4.47
N CYS A 139 -2.08 18.07 3.81
CA CYS A 139 -3.39 18.72 3.87
C CYS A 139 -4.12 18.27 5.13
N GLY A 142 -2.57 14.19 9.10
CA GLY A 142 -1.64 15.29 9.27
C GLY A 142 -0.32 14.80 9.83
N ARG A 143 0.34 13.92 9.10
CA ARG A 143 1.53 13.24 9.59
C ARG A 143 2.88 13.89 9.17
N ALA A 144 3.11 14.02 7.86
CA ALA A 144 4.31 14.71 7.34
C ALA A 144 3.94 15.69 6.23
N GLY A 145 4.91 16.50 5.80
CA GLY A 145 4.71 17.48 4.73
C GLY A 145 4.35 18.89 5.17
N VAL A 146 4.60 19.85 4.29
CA VAL A 146 4.20 21.23 4.54
C VAL A 146 2.73 21.49 4.20
N ARG A 147 2.07 22.25 5.06
CA ARG A 147 0.70 22.67 4.83
C ARG A 147 0.64 23.70 3.72
N PRO A 148 -0.28 23.52 2.77
CA PRO A 148 -0.36 24.38 1.60
C PRO A 148 -0.69 25.85 1.89
N THR A 149 -1.17 26.15 3.09
CA THR A 149 -1.50 27.53 3.45
C THR A 149 -0.33 28.22 4.16
N ASP A 150 0.54 27.41 4.76
CA ASP A 150 1.79 27.90 5.33
C ASP A 150 2.60 28.61 4.24
N PRO A 151 2.84 29.92 4.40
CA PRO A 151 3.56 30.65 3.35
C PRO A 151 4.89 29.94 3.00
N ALA A 152 5.42 29.20 3.96
CA ALA A 152 6.68 28.52 3.79
C ALA A 152 6.62 27.45 2.72
N ALA A 153 5.45 26.87 2.50
CA ALA A 153 5.28 25.82 1.50
C ALA A 153 5.60 26.40 0.14
N LEU A 154 5.07 27.59 -0.11
CA LEU A 154 5.28 28.32 -1.34
C LEU A 154 6.76 28.56 -1.62
N GLU A 155 7.49 28.99 -0.60
CA GLU A 155 8.89 29.37 -0.79
C GLU A 155 9.76 28.14 -1.06
N LEU A 156 9.47 27.08 -0.33
CA LEU A 156 10.15 25.81 -0.53
C LEU A 156 9.89 25.26 -1.95
N ALA A 157 8.64 25.31 -2.41
CA ALA A 157 8.36 24.85 -3.76
C ALA A 157 9.18 25.68 -4.72
N GLN A 158 9.05 26.99 -4.58
CA GLN A 158 9.86 27.93 -5.31
C GLN A 158 11.30 27.42 -5.39
N ALA A 159 11.93 27.26 -4.22
CA ALA A 159 13.35 26.91 -4.15
C ALA A 159 13.66 25.60 -4.89
N ILE A 160 12.85 24.57 -4.65
CA ILE A 160 13.04 23.29 -5.31
C ILE A 160 13.03 23.48 -6.83
N ALA A 161 12.12 24.31 -7.32
CA ALA A 161 11.89 24.37 -8.75
C ALA A 161 12.92 25.21 -9.49
N ASN A 162 13.42 26.26 -8.84
CA ASN A 162 14.10 27.34 -9.55
C ASN A 162 15.50 27.70 -9.05
N ASP A 163 15.75 27.49 -7.76
CA ASP A 163 17.03 27.89 -7.18
C ASP A 163 18.26 27.16 -7.74
N ALA A 164 18.08 26.06 -8.46
CA ALA A 164 19.21 25.32 -9.01
C ALA A 164 18.73 24.29 -10.01
N PRO A 165 18.22 24.77 -11.15
CA PRO A 165 17.50 24.01 -12.18
C PRO A 165 18.33 22.95 -12.89
N GLU A 166 19.62 22.88 -12.60
CA GLU A 166 20.48 21.90 -13.25
C GLU A 166 20.89 20.75 -12.32
N GLU A 167 20.46 20.85 -11.07
CA GLU A 167 20.81 19.83 -10.10
C GLU A 167 19.54 19.28 -9.47
N VAL A 168 18.51 20.12 -9.43
CA VAL A 168 17.24 19.81 -8.78
C VAL A 168 16.04 20.33 -9.56
N THR A 169 14.99 19.54 -9.59
CA THR A 169 13.79 19.90 -10.32
C THR A 169 12.56 19.54 -9.48
N LEU A 170 11.47 20.28 -9.67
CA LEU A 170 10.22 20.00 -8.98
C LEU A 170 9.28 19.35 -9.97
N VAL A 171 9.09 18.05 -9.77
CA VAL A 171 8.26 17.25 -10.66
C VAL A 171 6.78 17.54 -10.39
N GLY A 172 6.40 17.68 -9.12
CA GLY A 172 5.00 17.96 -8.78
C GLY A 172 4.81 18.06 -7.28
N VAL A 173 3.56 18.12 -6.84
CA VAL A 173 3.25 18.05 -5.41
C VAL A 173 2.62 16.70 -5.05
N TYR A 174 2.94 16.21 -3.85
CA TYR A 174 2.52 14.88 -3.43
C TYR A 174 1.76 14.94 -2.13
N ALA A 175 0.55 14.38 -2.12
CA ALA A 175 -0.21 14.26 -0.89
C ALA A 175 -0.81 12.85 -0.72
N HIS A 176 -0.86 12.36 0.51
CA HIS A 176 -1.53 11.10 0.82
C HIS A 176 -2.68 11.37 1.79
N CYS A 177 -3.91 11.19 1.31
CA CYS A 177 -5.08 11.34 2.17
C CYS A 177 -5.27 10.13 3.11
N GLY A 178 -4.27 9.86 3.93
CA GLY A 178 -4.32 8.73 4.85
C GLY A 178 -5.25 8.96 6.05
N ASN A 179 -6.00 10.06 6.04
CA ASN A 179 -6.93 10.30 7.14
C ASN A 179 -8.21 9.52 6.91
N THR A 180 -8.44 9.09 5.67
CA THR A 180 -9.61 8.30 5.34
C THR A 180 -9.60 7.03 6.19
N TYR A 181 -8.47 6.77 6.84
CA TYR A 181 -8.33 5.57 7.65
C TYR A 181 -8.91 5.76 9.03
N GLY A 182 -9.38 6.96 9.34
CA GLY A 182 -9.99 7.20 10.65
C GLY A 182 -11.47 7.58 10.64
N CYS A 183 -12.20 7.18 9.60
CA CYS A 183 -13.59 7.57 9.47
C CYS A 183 -14.34 6.58 8.61
N SER A 184 -15.67 6.56 8.69
CA SER A 184 -16.46 5.42 8.21
C SER A 184 -17.48 5.74 7.13
N GLY A 185 -17.47 4.96 6.04
CA GLY A 185 -18.42 5.13 4.93
C GLY A 185 -17.99 6.06 3.79
N ALA A 186 -18.53 5.83 2.60
CA ALA A 186 -18.18 6.61 1.39
C ALA A 186 -18.16 8.14 1.53
N ASP A 187 -19.12 8.70 2.26
CA ASP A 187 -19.32 10.14 2.28
C ASP A 187 -18.17 10.89 2.98
N THR A 188 -17.73 10.37 4.12
CA THR A 188 -16.58 10.94 4.82
C THR A 188 -15.27 10.74 4.06
N ILE A 189 -15.04 9.51 3.59
CA ILE A 189 -13.95 9.20 2.65
C ILE A 189 -13.88 10.25 1.54
N GLN A 190 -15.00 10.46 0.85
CA GLN A 190 -15.07 11.44 -0.23
C GLN A 190 -14.82 12.90 0.18
N ALA A 191 -15.22 13.25 1.39
CA ALA A 191 -15.02 14.61 1.89
C ALA A 191 -13.54 14.86 2.12
N ILE A 192 -12.86 13.87 2.72
CA ILE A 192 -11.42 13.95 2.88
C ILE A 192 -10.75 13.98 1.49
N ALA A 193 -11.24 13.15 0.58
CA ALA A 193 -10.78 13.21 -0.79
C ALA A 193 -10.91 14.64 -1.31
N ARG A 194 -11.98 15.33 -0.93
CA ARG A 194 -12.26 16.65 -1.47
C ARG A 194 -11.40 17.75 -0.81
N THR A 195 -11.25 17.69 0.51
CA THR A 195 -10.44 18.68 1.20
C THR A 195 -9.08 18.60 0.59
N THR A 196 -8.65 17.36 0.33
CA THR A 196 -7.30 17.10 -0.15
C THR A 196 -7.12 17.51 -1.60
N THR A 197 -8.12 17.22 -2.44
CA THR A 197 -8.00 17.56 -3.86
C THR A 197 -7.94 19.07 -4.00
N ASN A 198 -8.87 19.77 -3.36
CA ASN A 198 -8.92 21.21 -3.51
C ASN A 198 -7.74 21.93 -2.88
N ALA A 199 -7.26 21.44 -1.76
CA ALA A 199 -6.11 22.09 -1.18
C ALA A 199 -4.97 22.00 -2.19
N VAL A 200 -4.78 20.81 -2.77
CA VAL A 200 -3.74 20.60 -3.78
C VAL A 200 -3.95 21.47 -5.01
N LEU A 201 -5.20 21.52 -5.49
CA LEU A 201 -5.53 22.35 -6.64
C LEU A 201 -5.31 23.82 -6.33
N SER A 202 -5.70 24.26 -5.14
CA SER A 202 -5.40 25.62 -4.74
C SER A 202 -3.89 25.83 -4.76
N PHE A 203 -3.14 24.90 -4.19
CA PHE A 203 -1.71 25.09 -4.11
C PHE A 203 -1.12 25.25 -5.50
N VAL A 204 -1.43 24.33 -6.41
CA VAL A 204 -0.94 24.40 -7.79
C VAL A 204 -1.37 25.70 -8.46
N ALA A 205 -2.54 26.22 -8.10
CA ALA A 205 -3.01 27.48 -8.65
C ALA A 205 -2.10 28.61 -8.18
N ALA A 206 -1.83 28.64 -6.89
CA ALA A 206 -0.95 29.63 -6.32
C ALA A 206 0.39 29.50 -7.00
N LEU A 207 0.88 28.27 -7.15
CA LEU A 207 2.17 28.03 -7.79
C LEU A 207 2.23 28.64 -9.19
N ARG A 208 1.20 28.40 -10.00
CA ARG A 208 1.17 28.95 -11.35
C ARG A 208 1.20 30.47 -11.31
N GLN A 209 0.47 31.05 -10.37
CA GLN A 209 0.35 32.50 -10.25
C GLN A 209 1.67 33.15 -9.89
N ALA A 210 2.48 32.43 -9.11
CA ALA A 210 3.77 32.95 -8.66
C ALA A 210 4.88 32.60 -9.65
N GLY A 211 4.58 31.77 -10.64
CA GLY A 211 5.58 31.42 -11.65
C GLY A 211 6.39 30.16 -11.37
N VAL A 212 5.95 29.36 -10.40
CA VAL A 212 6.66 28.16 -10.05
C VAL A 212 6.16 27.01 -10.88
N PRO A 213 6.96 26.57 -11.87
CA PRO A 213 6.49 25.44 -12.68
C PRO A 213 6.28 24.23 -11.78
N CYS A 214 5.21 23.48 -12.05
CA CYS A 214 4.85 22.30 -11.28
C CYS A 214 4.00 21.45 -12.19
N PRO A 215 4.63 20.56 -12.97
CA PRO A 215 3.93 19.78 -13.99
C PRO A 215 2.94 18.78 -13.41
N GLN A 216 3.35 18.00 -12.42
CA GLN A 216 2.50 16.93 -11.85
C GLN A 216 1.81 17.26 -10.51
N ALA A 217 0.74 16.50 -10.20
CA ALA A 217 0.00 16.68 -8.94
C ALA A 217 -0.66 15.37 -8.52
N SER A 218 -0.17 14.81 -7.42
CA SER A 218 -0.40 13.41 -7.04
C SER A 218 -1.15 13.28 -5.69
N ILE A 219 -2.23 12.50 -5.66
CA ILE A 219 -2.77 12.10 -4.36
C ILE A 219 -3.29 10.67 -4.35
N GLY A 220 -3.85 10.28 -3.22
CA GLY A 220 -4.63 9.06 -3.19
C GLY A 220 -4.30 8.08 -2.10
N SER A 221 -5.37 7.45 -1.59
CA SER A 221 -5.29 6.32 -0.69
C SER A 221 -6.29 5.31 -1.24
N THR A 222 -6.21 4.06 -0.79
CA THR A 222 -7.11 3.03 -1.28
C THR A 222 -8.56 3.47 -1.05
N PRO A 223 -8.85 4.00 0.13
CA PRO A 223 -10.26 4.38 0.28
C PRO A 223 -10.74 5.45 -0.70
N SER A 224 -9.97 6.52 -0.92
CA SER A 224 -10.47 7.58 -1.78
C SER A 224 -10.41 7.24 -3.28
N CYS A 225 -9.51 6.33 -3.66
CA CYS A 225 -9.45 5.90 -5.07
C CYS A 225 -10.37 4.71 -5.36
N SER A 226 -10.98 4.17 -4.30
CA SER A 226 -12.01 3.14 -4.44
C SER A 226 -13.35 3.78 -4.78
N HIS A 227 -13.48 5.05 -4.46
CA HIS A 227 -14.64 5.84 -4.83
C HIS A 227 -14.21 7.23 -5.25
N PRO A 228 -13.51 7.33 -6.38
CA PRO A 228 -12.95 8.59 -6.88
C PRO A 228 -14.02 9.65 -7.05
N ILE A 229 -13.65 10.91 -6.82
CA ILE A 229 -14.56 12.03 -7.05
C ILE A 229 -14.14 12.81 -8.30
N PRO A 230 -15.12 13.30 -9.05
CA PRO A 230 -14.86 13.99 -10.32
C PRO A 230 -13.70 14.97 -10.23
N GLU A 231 -13.65 15.76 -9.16
CA GLU A 231 -12.58 16.73 -8.99
C GLU A 231 -11.21 16.09 -9.23
N MET A 232 -11.07 14.80 -8.97
CA MET A 232 -9.77 14.14 -9.07
C MET A 232 -9.20 14.16 -10.48
N SER A 233 -10.05 14.41 -11.47
CA SER A 233 -9.60 14.37 -12.86
C SER A 233 -8.76 15.60 -13.20
N GLN A 234 -8.66 16.54 -12.28
CA GLN A 234 -7.89 17.73 -12.55
C GLN A 234 -6.48 17.53 -12.07
N LEU A 235 -6.25 16.38 -11.45
CA LEU A 235 -4.91 16.02 -11.01
C LEU A 235 -4.20 15.27 -12.15
N THR A 236 -2.97 14.86 -11.94
CA THR A 236 -2.22 14.19 -12.99
C THR A 236 -2.01 12.71 -12.67
N GLU A 237 -2.14 12.34 -11.39
CA GLU A 237 -1.90 10.96 -10.98
C GLU A 237 -2.43 10.58 -9.59
N LEU A 238 -2.84 9.33 -9.45
CA LEU A 238 -3.29 8.75 -8.20
C LEU A 238 -2.34 7.62 -7.81
N HIS A 239 -2.05 7.51 -6.52
CA HIS A 239 -1.10 6.49 -6.05
C HIS A 239 -1.60 5.62 -4.89
N PRO A 240 -2.73 4.92 -5.08
CA PRO A 240 -3.07 3.97 -4.00
C PRO A 240 -2.23 2.72 -4.12
N GLY A 241 -2.30 1.83 -3.13
CA GLY A 241 -1.57 0.58 -3.19
C GLY A 241 -2.36 -0.63 -2.71
N ASN A 242 -2.97 -0.52 -1.53
CA ASN A 242 -3.55 -1.69 -0.82
C ASN A 242 -4.70 -2.34 -1.57
N TYR A 243 -5.42 -1.52 -2.32
CA TYR A 243 -6.58 -1.98 -3.09
C TYR A 243 -6.28 -3.23 -3.90
N ILE A 244 -5.01 -3.53 -4.15
CA ILE A 244 -4.74 -4.71 -4.94
C ILE A 244 -5.12 -5.97 -4.18
N PHE A 245 -5.01 -5.93 -2.85
CA PHE A 245 -5.40 -7.04 -1.97
C PHE A 245 -6.71 -6.75 -1.21
N TYR A 246 -6.87 -5.55 -0.68
CA TYR A 246 -7.95 -5.22 0.24
C TYR A 246 -7.89 -6.06 1.52
N ASP A 247 -8.83 -5.84 2.42
CA ASP A 247 -8.84 -6.58 3.69
C ASP A 247 -10.12 -6.30 4.47
N LEU A 248 -10.18 -6.77 5.71
CA LEU A 248 -11.37 -6.57 6.53
C LEU A 248 -11.53 -5.07 6.79
N GLN A 249 -10.47 -4.42 7.20
CA GLN A 249 -10.56 -2.99 7.48
C GLN A 249 -11.24 -2.28 6.31
N GLN A 250 -10.78 -2.54 5.08
CA GLN A 250 -11.28 -1.81 3.93
C GLN A 250 -12.74 -2.13 3.74
N THR A 251 -13.09 -3.38 4.02
CA THR A 251 -14.47 -3.85 3.91
C THR A 251 -15.31 -3.14 4.96
N GLN A 252 -14.79 -3.05 6.17
CA GLN A 252 -15.48 -2.35 7.25
C GLN A 252 -15.59 -0.87 6.93
N LEU A 253 -14.63 -0.36 6.16
CA LEU A 253 -14.64 1.05 5.78
C LEU A 253 -15.63 1.32 4.67
N GLY A 254 -15.96 0.30 3.89
CA GLY A 254 -16.79 0.47 2.71
C GLY A 254 -16.06 0.68 1.39
N SER A 255 -14.72 0.66 1.39
CA SER A 255 -13.98 0.77 0.12
C SER A 255 -14.26 -0.38 -0.84
N CYS A 256 -14.75 -1.51 -0.30
CA CYS A 256 -14.86 -2.76 -1.08
C CYS A 256 -15.83 -3.77 -0.47
N GLN A 257 -16.35 -4.67 -1.32
CA GLN A 257 -17.23 -5.75 -0.89
C GLN A 257 -16.34 -6.91 -0.52
N PRO A 258 -16.84 -7.88 0.28
CA PRO A 258 -15.97 -9.00 0.64
C PRO A 258 -15.34 -9.69 -0.57
N GLN A 259 -16.07 -9.74 -1.68
CA GLN A 259 -15.61 -10.43 -2.89
C GLN A 259 -14.33 -9.83 -3.44
N ASP A 260 -14.00 -8.66 -2.94
CA ASP A 260 -12.87 -7.87 -3.42
C ASP A 260 -11.57 -8.22 -2.70
N VAL A 261 -11.69 -8.91 -1.56
CA VAL A 261 -10.54 -9.17 -0.70
C VAL A 261 -9.80 -10.41 -1.14
N ALA A 262 -8.64 -10.21 -1.76
CA ALA A 262 -7.90 -11.31 -2.37
C ALA A 262 -7.09 -12.11 -1.37
N ILE A 263 -6.86 -11.54 -0.20
CA ILE A 263 -5.94 -12.16 0.75
C ILE A 263 -6.64 -12.98 1.83
N ARG A 264 -6.10 -14.17 2.10
CA ARG A 264 -6.46 -14.92 3.29
C ARG A 264 -5.18 -15.38 3.98
N VAL A 265 -5.32 -15.78 5.23
CA VAL A 265 -4.31 -16.60 5.88
C VAL A 265 -5.02 -17.92 6.18
N LEU A 266 -4.58 -19.00 5.53
CA LEU A 266 -5.17 -20.32 5.81
C LEU A 266 -4.68 -20.83 7.15
N THR A 267 -5.57 -21.43 7.93
CA THR A 267 -5.15 -21.98 9.20
C THR A 267 -5.85 -23.31 9.44
N ARG A 268 -5.24 -24.13 10.29
CA ARG A 268 -5.78 -25.43 10.64
C ARG A 268 -6.31 -25.47 12.06
N VAL A 269 -7.42 -26.20 12.21
CA VAL A 269 -7.89 -26.57 13.52
C VAL A 269 -6.94 -27.66 13.95
N ILE A 270 -6.19 -27.40 15.01
CA ILE A 270 -5.20 -28.36 15.49
C ILE A 270 -5.58 -29.00 16.82
N GLY A 271 -6.73 -28.59 17.36
CA GLY A 271 -7.30 -29.23 18.55
C GLY A 271 -8.56 -28.60 19.10
N HIS A 272 -9.41 -29.41 19.73
CA HIS A 272 -10.63 -28.91 20.41
C HIS A 272 -10.48 -28.82 21.93
N TYR A 273 -11.16 -27.87 22.55
CA TYR A 273 -11.21 -27.82 24.01
C TYR A 273 -12.62 -27.60 24.55
N ALA A 274 -13.33 -28.72 24.78
CA ALA A 274 -14.74 -28.67 25.17
C ALA A 274 -14.92 -27.90 26.46
N HIS A 275 -13.99 -28.10 27.39
CA HIS A 275 -14.05 -27.47 28.72
C HIS A 275 -13.94 -25.94 28.69
N ARG A 276 -13.78 -25.39 27.47
CA ARG A 276 -13.69 -23.95 27.28
C ARG A 276 -14.41 -23.52 26.02
N GLY A 277 -14.99 -24.49 25.30
CA GLY A 277 -15.72 -24.23 24.07
C GLY A 277 -14.91 -23.46 23.05
N GLN A 278 -13.72 -23.96 22.74
CA GLN A 278 -12.77 -23.28 21.87
C GLN A 278 -12.07 -24.18 20.85
N LEU A 279 -11.95 -23.66 19.63
CA LEU A 279 -11.13 -24.27 18.58
C LEU A 279 -9.71 -23.78 18.73
N LEU A 280 -8.75 -24.65 18.49
CA LEU A 280 -7.38 -24.20 18.51
C LEU A 280 -6.90 -24.22 17.07
N VAL A 281 -6.31 -23.11 16.63
CA VAL A 281 -5.78 -23.01 15.28
C VAL A 281 -4.28 -22.69 15.23
N ASP A 282 -3.62 -23.21 14.19
CA ASP A 282 -2.19 -23.05 14.07
C ASP A 282 -1.75 -21.68 13.51
N CYS A 283 -2.61 -20.68 13.67
CA CYS A 283 -2.27 -19.31 13.28
C CYS A 283 -2.26 -18.36 14.47
N GLY A 284 -1.07 -17.91 14.88
CA GLY A 284 -0.95 -16.93 15.92
C GLY A 284 -0.61 -15.59 15.29
N TRP A 285 0.03 -14.71 16.04
CA TRP A 285 0.32 -13.40 15.49
C TRP A 285 1.53 -13.38 14.60
N ALA A 286 2.40 -14.39 14.69
CA ALA A 286 3.55 -14.41 13.79
C ALA A 286 3.03 -14.44 12.37
N ALA A 287 1.85 -15.01 12.18
CA ALA A 287 1.29 -15.17 10.85
C ALA A 287 0.26 -14.10 10.52
N LEU A 288 -0.10 -13.28 11.50
CA LEU A 288 -1.27 -12.44 11.33
C LEU A 288 -1.01 -10.97 11.67
N SER A 289 -0.23 -10.74 12.71
CA SER A 289 0.03 -9.40 13.23
C SER A 289 -1.09 -9.06 14.18
N LEU A 290 -0.86 -8.06 15.04
CA LEU A 290 -1.86 -7.66 16.03
C LEU A 290 -2.69 -6.46 15.55
N HIS A 291 -2.68 -6.23 14.25
CA HIS A 291 -3.48 -5.15 13.67
C HIS A 291 -4.96 -5.42 13.76
N GLY A 292 -5.72 -4.42 14.20
CA GLY A 292 -7.15 -4.62 14.43
C GLY A 292 -7.52 -4.91 15.88
N ALA A 293 -6.54 -4.89 16.78
CA ALA A 293 -6.82 -5.00 18.21
C ALA A 293 -7.04 -3.64 18.89
N GLY A 294 -6.13 -2.69 18.65
CA GLY A 294 -6.15 -1.39 19.34
C GLY A 294 -7.37 -0.48 19.15
N GLY A 298 -11.08 -6.03 20.74
CA GLY A 298 -9.71 -6.48 20.98
C GLY A 298 -9.23 -7.43 19.89
N PRO A 299 -8.64 -8.59 20.27
CA PRO A 299 -8.17 -9.62 19.33
C PRO A 299 -9.27 -10.12 18.38
N GLN A 300 -10.53 -10.06 18.81
CA GLN A 300 -11.64 -10.42 17.94
C GLN A 300 -11.57 -9.69 16.60
N GLY A 301 -11.04 -8.46 16.61
CA GLY A 301 -10.95 -7.64 15.39
C GLY A 301 -9.73 -7.78 14.49
N CYS A 302 -8.85 -8.75 14.77
CA CYS A 302 -7.67 -8.96 13.93
C CYS A 302 -8.02 -9.66 12.63
N ALA A 303 -9.13 -10.39 12.64
CA ALA A 303 -9.50 -11.16 11.46
C ALA A 303 -10.86 -11.78 11.66
N ALA A 304 -11.52 -12.11 10.56
CA ALA A 304 -12.77 -12.83 10.59
C ALA A 304 -12.54 -14.17 9.90
N ILE A 305 -13.35 -15.16 10.28
CA ILE A 305 -13.31 -16.47 9.63
C ILE A 305 -14.23 -16.48 8.42
N ASP A 306 -13.65 -16.70 7.25
CA ASP A 306 -14.38 -16.61 5.99
C ASP A 306 -15.50 -17.64 5.89
N GLY A 307 -16.73 -17.19 5.67
CA GLY A 307 -17.89 -18.07 5.66
C GLY A 307 -18.30 -18.59 7.04
N HIS A 308 -17.84 -17.95 8.11
CA HIS A 308 -18.22 -18.39 9.43
C HIS A 308 -18.35 -17.23 10.39
N PRO A 309 -19.36 -16.38 10.17
CA PRO A 309 -19.70 -15.34 11.13
C PRO A 309 -19.86 -15.93 12.52
N GLU A 310 -20.13 -17.24 12.63
CA GLU A 310 -20.34 -17.90 13.94
C GLU A 310 -19.15 -17.80 14.89
N LEU A 311 -17.95 -17.79 14.31
CA LEU A 311 -16.70 -17.89 15.08
C LEU A 311 -15.97 -16.55 15.16
N ARG A 312 -15.21 -16.36 16.23
CA ARG A 312 -14.42 -15.15 16.33
C ARG A 312 -13.11 -15.48 17.03
N LEU A 313 -12.11 -14.62 16.83
CA LEU A 313 -10.81 -14.83 17.43
C LEU A 313 -10.86 -14.30 18.85
N VAL A 314 -10.51 -15.12 19.82
CA VAL A 314 -10.54 -14.62 21.18
C VAL A 314 -9.17 -14.60 21.83
N GLY A 315 -8.18 -15.15 21.13
CA GLY A 315 -6.81 -15.16 21.63
C GLY A 315 -5.78 -15.41 20.55
N LEU A 316 -4.66 -14.71 20.64
CA LEU A 316 -3.54 -14.97 19.76
C LEU A 316 -2.27 -15.06 20.59
N THR A 317 -1.47 -16.09 20.36
CA THR A 317 -0.13 -16.07 20.87
C THR A 317 0.77 -16.04 19.64
N GLN A 318 2.06 -16.23 19.81
CA GLN A 318 2.92 -16.21 18.64
C GLN A 318 2.47 -17.21 17.56
N GLU A 319 2.22 -18.46 17.94
CA GLU A 319 1.92 -19.46 16.93
C GLU A 319 0.55 -20.13 17.08
N HIS A 320 -0.24 -19.61 18.01
CA HIS A 320 -1.56 -20.15 18.34
C HIS A 320 -2.68 -19.11 18.24
N GLY A 321 -3.86 -19.56 17.84
CA GLY A 321 -5.06 -18.74 17.94
C GLY A 321 -6.18 -19.57 18.55
N LEU A 322 -7.04 -18.91 19.32
CA LEU A 322 -8.22 -19.56 19.92
C LEU A 322 -9.53 -19.02 19.33
N LEU A 323 -10.44 -19.93 19.00
CA LEU A 323 -11.71 -19.58 18.35
C LEU A 323 -12.91 -19.97 19.23
N GLU A 324 -13.97 -19.17 19.17
CA GLU A 324 -15.18 -19.42 19.96
C GLU A 324 -16.44 -19.26 19.11
N HIS A 325 -17.55 -19.83 19.57
CA HIS A 325 -18.84 -19.70 18.86
C HIS A 325 -19.76 -18.69 19.56
N GLN A 329 -22.07 -21.14 22.55
CA GLN A 329 -21.67 -22.54 22.74
C GLN A 329 -21.31 -23.20 21.40
N MET A 330 -20.17 -23.88 21.40
CA MET A 330 -19.51 -24.34 20.17
C MET A 330 -20.19 -25.54 19.47
N ASP A 331 -19.43 -26.20 18.60
CA ASP A 331 -19.93 -27.29 17.79
C ASP A 331 -18.77 -28.03 17.14
N PHE A 332 -18.00 -28.74 17.95
CA PHE A 332 -16.73 -29.34 17.51
C PHE A 332 -16.83 -30.41 16.42
N GLY A 333 -18.04 -30.84 16.07
CA GLY A 333 -18.19 -31.84 15.03
C GLY A 333 -18.10 -31.20 13.66
N ARG A 334 -18.49 -29.93 13.61
CA ARG A 334 -18.43 -29.14 12.38
C ARG A 334 -16.99 -28.77 11.99
N PHE A 335 -16.06 -28.89 12.93
CA PHE A 335 -14.68 -28.43 12.71
C PHE A 335 -13.62 -29.47 13.11
N PRO A 336 -13.70 -30.67 12.52
CA PRO A 336 -12.72 -31.71 12.78
C PRO A 336 -11.30 -31.17 12.74
N VAL A 337 -10.44 -31.67 13.64
CA VAL A 337 -9.00 -31.38 13.61
C VAL A 337 -8.44 -31.71 12.23
N GLY A 338 -7.72 -30.76 11.63
CA GLY A 338 -7.21 -30.95 10.27
C GLY A 338 -7.97 -30.15 9.23
N SER A 339 -9.16 -29.68 9.59
CA SER A 339 -9.90 -28.82 8.67
C SER A 339 -9.23 -27.46 8.58
N VAL A 340 -9.41 -26.82 7.44
CA VAL A 340 -8.78 -25.55 7.16
C VAL A 340 -9.82 -24.45 7.15
N LEU A 341 -9.62 -23.44 7.97
CA LEU A 341 -10.41 -22.22 7.86
C LEU A 341 -9.57 -21.14 7.17
N ALA A 342 -10.24 -20.23 6.46
CA ALA A 342 -9.56 -19.13 5.78
C ALA A 342 -9.80 -17.81 6.50
N LEU A 343 -8.79 -17.30 7.19
CA LEU A 343 -8.94 -16.06 7.95
C LEU A 343 -8.84 -14.83 7.05
N ILE A 344 -9.71 -13.86 7.31
CA ILE A 344 -9.67 -12.59 6.61
C ILE A 344 -8.96 -11.60 7.52
N PRO A 345 -7.73 -11.23 7.18
CA PRO A 345 -6.98 -10.35 8.07
C PRO A 345 -7.50 -8.92 8.00
N TYR A 346 -7.34 -8.19 9.10
CA TYR A 346 -7.70 -6.79 9.19
C TYR A 346 -6.93 -5.88 8.19
N HIS A 347 -5.60 -5.93 8.24
CA HIS A 347 -4.76 -4.98 7.48
C HIS A 347 -3.79 -5.71 6.54
N ALA A 348 -4.13 -5.78 5.26
CA ALA A 348 -3.33 -6.54 4.32
C ALA A 348 -1.84 -6.25 4.46
N CYS A 349 -1.47 -4.97 4.46
CA CYS A 349 -0.06 -4.59 4.46
C CYS A 349 0.67 -5.27 5.61
N ALA A 350 0.04 -5.28 6.78
CA ALA A 350 0.64 -5.83 7.99
C ALA A 350 0.79 -7.36 8.00
N THR A 351 -0.29 -8.06 7.65
CA THR A 351 -0.20 -9.52 7.54
C THR A 351 0.90 -9.91 6.54
N ALA A 352 0.94 -9.21 5.41
CA ALA A 352 1.81 -9.59 4.31
C ALA A 352 3.25 -9.50 4.76
N ALA A 353 3.49 -8.57 5.66
CA ALA A 353 4.83 -8.32 6.14
C ALA A 353 5.30 -9.46 7.03
N MET A 354 4.38 -10.33 7.43
CA MET A 354 4.78 -11.47 8.24
C MET A 354 5.10 -12.72 7.41
N HIS A 355 4.97 -12.65 6.08
CA HIS A 355 5.14 -13.87 5.27
C HIS A 355 6.29 -13.85 4.27
N PRO A 356 7.15 -14.87 4.32
CA PRO A 356 8.24 -14.89 3.39
C PRO A 356 7.79 -15.37 2.03
N VAL A 357 6.56 -15.89 1.94
CA VAL A 357 6.01 -16.40 0.68
C VAL A 357 4.47 -16.28 0.62
N TYR A 358 3.95 -15.89 -0.55
CA TYR A 358 2.50 -15.87 -0.75
C TYR A 358 2.09 -16.98 -1.72
N TYR A 359 1.18 -17.85 -1.29
CA TYR A 359 0.62 -18.84 -2.21
C TYR A 359 -0.49 -18.25 -3.08
N VAL A 360 -0.18 -18.09 -4.36
CA VAL A 360 -1.07 -17.44 -5.31
C VAL A 360 -1.83 -18.51 -6.10
N HIS A 361 -3.16 -18.38 -6.19
CA HIS A 361 -3.95 -19.48 -6.70
C HIS A 361 -5.05 -19.05 -7.66
N GLU A 362 -5.51 -20.00 -8.46
CA GLU A 362 -6.73 -19.85 -9.27
C GLU A 362 -7.55 -21.14 -9.19
N GLU A 363 -8.85 -21.01 -8.99
CA GLU A 363 -9.71 -22.19 -8.99
C GLU A 363 -9.20 -23.19 -7.97
N GLY A 364 -8.90 -22.69 -6.77
CA GLY A 364 -8.48 -23.56 -5.68
C GLY A 364 -7.08 -24.15 -5.81
N LYS A 365 -6.42 -23.94 -6.94
CA LYS A 365 -5.09 -24.54 -7.15
C LYS A 365 -3.94 -23.53 -7.17
N VAL A 366 -2.89 -23.81 -6.41
CA VAL A 366 -1.75 -22.93 -6.36
C VAL A 366 -1.12 -22.79 -7.75
N VAL A 367 -1.10 -21.56 -8.24
CA VAL A 367 -0.62 -21.25 -9.58
C VAL A 367 0.73 -20.54 -9.54
N ALA A 368 1.12 -20.05 -8.36
CA ALA A 368 2.36 -19.29 -8.27
C ALA A 368 2.77 -19.00 -6.84
N LEU A 369 4.07 -18.75 -6.69
CA LEU A 369 4.63 -18.32 -5.39
C LEU A 369 5.30 -16.95 -5.50
N TRP A 370 4.75 -15.92 -4.86
CA TRP A 370 5.45 -14.61 -4.78
C TRP A 370 6.29 -14.46 -3.51
N HIS A 371 7.52 -13.96 -3.66
CA HIS A 371 8.39 -13.71 -2.49
C HIS A 371 8.72 -12.23 -2.35
N PRO A 372 8.24 -11.62 -1.26
CA PRO A 372 8.42 -10.20 -0.95
C PRO A 372 9.82 -9.90 -0.43
N VAL A 373 10.34 -8.73 -0.77
CA VAL A 373 11.49 -8.16 -0.11
C VAL A 373 11.04 -7.62 1.26
N ARG A 374 12.00 -7.36 2.15
CA ARG A 374 11.68 -6.85 3.49
C ARG A 374 12.91 -6.11 3.95
N GLY A 375 12.84 -5.46 5.11
CA GLY A 375 14.03 -4.78 5.62
C GLY A 375 14.09 -3.32 5.20
N TRP A 376 15.29 -2.72 5.28
CA TRP A 376 15.46 -1.27 5.10
C TRP A 376 16.71 -0.86 4.33
#